data_8YLZ
#
_entry.id   8YLZ
#
_cell.length_a   42.580
_cell.length_b   61.140
_cell.length_c   84.340
_cell.angle_alpha   90.00
_cell.angle_beta   90.00
_cell.angle_gamma   90.00
#
_symmetry.space_group_name_H-M   'P 21 2 21'
#
loop_
_entity.id
_entity.type
_entity.pdbx_description
1 polymer 'Isoprenyl transferase'
2 water water
#
_entity_poly.entity_id   1
_entity_poly.type   'polypeptide(L)'
_entity_poly.pdbx_seq_one_letter_code
;HHHHHHMFHRAVAPATVPAQTPPAPHTASEGMTSMQHARTAGATGREPPPPLLPPPPLLPPPLPAGTTPAPDRAPGGAHP
GNPRHVGVILDGNRRWAEGHGTTLEAAYARGAARVADLVSWCETEGIAVVTVWALSRDNLRRDAAAVGRILDATAVGLAG
IAASGRWHIRLIGETDLLPAAPARRLRSVADRTATGSPGTLNVAVAYDGRADIAGAVRGLLRSGVTGGTAAAVRESDVER
YLSTAGLPDVDLVIRTSGERRLSGFLPWQTAYAELHFTAALWPAFSFDDFTVALRSYRARRRRFGF
;
_entity_poly.pdbx_strand_id   A
#
# COMPACT_ATOMS: atom_id res chain seq x y z
N GLY A 77 -15.05 -13.18 -8.24
CA GLY A 77 -14.24 -13.08 -9.44
C GLY A 77 -14.18 -11.69 -10.03
N ALA A 78 -13.30 -11.53 -11.02
CA ALA A 78 -13.00 -10.22 -11.59
C ALA A 78 -14.05 -9.79 -12.61
N HIS A 79 -14.24 -8.47 -12.71
CA HIS A 79 -15.06 -7.86 -13.75
C HIS A 79 -14.17 -7.37 -14.88
N PRO A 80 -14.35 -7.87 -16.10
CA PRO A 80 -13.61 -7.29 -17.23
C PRO A 80 -13.88 -5.80 -17.30
N GLY A 81 -12.83 -5.06 -17.53
CA GLY A 81 -12.86 -3.63 -17.47
C GLY A 81 -12.28 -3.06 -16.21
N ASN A 82 -12.25 -3.82 -15.11
CA ASN A 82 -11.68 -3.28 -13.88
C ASN A 82 -10.19 -3.57 -13.83
N PRO A 83 -9.45 -2.78 -13.07
CA PRO A 83 -8.04 -3.12 -12.85
C PRO A 83 -7.93 -4.38 -12.00
N ARG A 84 -6.93 -5.21 -12.32
CA ARG A 84 -6.70 -6.43 -11.56
C ARG A 84 -5.97 -6.16 -10.27
N HIS A 85 -5.08 -5.17 -10.28
CA HIS A 85 -4.24 -4.81 -9.14
C HIS A 85 -4.24 -3.30 -9.05
N VAL A 86 -4.72 -2.78 -7.93
CA VAL A 86 -4.76 -1.35 -7.64
C VAL A 86 -3.70 -1.05 -6.57
N GLY A 87 -2.87 -0.05 -6.85
CA GLY A 87 -1.89 0.44 -5.87
C GLY A 87 -2.29 1.84 -5.45
N VAL A 88 -2.29 2.10 -4.14
CA VAL A 88 -2.70 3.40 -3.64
C VAL A 88 -1.58 3.96 -2.77
N ILE A 89 -1.16 5.19 -3.07
CA ILE A 89 -0.16 5.88 -2.27
C ILE A 89 -0.93 6.74 -1.26
N LEU A 90 -0.80 6.41 0.03
CA LEU A 90 -1.71 6.93 1.07
C LEU A 90 -1.18 8.27 1.58
N ASP A 91 -1.28 9.26 0.72
CA ASP A 91 -0.61 10.52 0.93
C ASP A 91 -1.56 11.53 1.52
N GLY A 92 -1.04 12.35 2.44
CA GLY A 92 -1.84 13.45 2.98
C GLY A 92 -2.12 13.35 4.46
N ASN A 93 -1.64 12.33 5.17
CA ASN A 93 -1.97 12.20 6.59
C ASN A 93 -1.41 13.36 7.41
N ARG A 94 -0.16 13.78 7.12
CA ARG A 94 0.43 14.87 7.87
C ARG A 94 -0.32 16.17 7.66
N ARG A 95 -0.69 16.46 6.41
CA ARG A 95 -1.42 17.70 6.12
C ARG A 95 -2.81 17.65 6.73
N TRP A 96 -3.43 16.47 6.73
CA TRP A 96 -4.75 16.33 7.33
C TRP A 96 -4.68 16.60 8.82
N ALA A 97 -3.67 16.04 9.48
CA ALA A 97 -3.50 16.23 10.91
C ALA A 97 -3.33 17.71 11.23
N GLU A 98 -2.47 18.41 10.49
CA GLU A 98 -2.27 19.83 10.77
C GLU A 98 -3.56 20.62 10.55
N GLY A 99 -4.30 20.31 9.49
CA GLY A 99 -5.53 21.03 9.18
C GLY A 99 -6.65 20.78 10.17
N HIS A 100 -6.62 19.66 10.87
CA HIS A 100 -7.64 19.31 11.84
C HIS A 100 -7.19 19.46 13.28
N GLY A 101 -5.94 19.85 13.52
CA GLY A 101 -5.46 20.03 14.88
C GLY A 101 -5.15 18.75 15.61
N THR A 102 -5.01 17.63 14.89
CA THR A 102 -4.83 16.32 15.51
C THR A 102 -3.35 15.90 15.53
N THR A 103 -3.11 14.81 16.24
CA THR A 103 -1.80 14.18 16.20
C THR A 103 -1.62 13.40 14.91
N LEU A 104 -0.36 13.08 14.62
CA LEU A 104 -0.07 12.22 13.46
C LEU A 104 -0.68 10.83 13.66
N GLU A 105 -0.61 10.28 14.88
CA GLU A 105 -1.17 8.95 15.12
C GLU A 105 -2.66 8.95 14.82
N ALA A 106 -3.36 10.03 15.17
CA ALA A 106 -4.79 10.10 14.91
C ALA A 106 -5.09 10.13 13.42
N ALA A 107 -4.21 10.77 12.62
CA ALA A 107 -4.42 10.75 11.17
C ALA A 107 -4.19 9.36 10.61
N TYR A 108 -3.18 8.64 11.11
CA TYR A 108 -2.97 7.28 10.62
C TYR A 108 -4.04 6.32 11.11
N ALA A 109 -4.67 6.58 12.26
CA ALA A 109 -5.81 5.76 12.65
C ALA A 109 -6.96 5.95 11.68
N ARG A 110 -7.24 7.20 11.31
CA ARG A 110 -8.27 7.47 10.32
C ARG A 110 -7.86 6.91 8.97
N GLY A 111 -6.58 7.03 8.63
CA GLY A 111 -6.12 6.47 7.36
C GLY A 111 -6.30 4.98 7.27
N ALA A 112 -6.09 4.27 8.39
CA ALA A 112 -6.33 2.83 8.40
C ALA A 112 -7.81 2.52 8.20
N ALA A 113 -8.70 3.33 8.79
CA ALA A 113 -10.12 3.16 8.52
C ALA A 113 -10.45 3.35 7.04
N ARG A 114 -9.75 4.27 6.37
CA ARG A 114 -9.94 4.43 4.92
C ARG A 114 -9.39 3.23 4.15
N VAL A 115 -8.30 2.59 4.63
CA VAL A 115 -7.86 1.36 3.98
C VAL A 115 -8.94 0.29 4.09
N ALA A 116 -9.59 0.19 5.26
CA ALA A 116 -10.69 -0.75 5.43
C ALA A 116 -11.84 -0.44 4.47
N ASP A 117 -12.19 0.84 4.32
CA ASP A 117 -13.17 1.24 3.31
C ASP A 117 -12.71 0.82 1.92
N LEU A 118 -11.46 1.12 1.57
CA LEU A 118 -10.95 0.84 0.24
C LEU A 118 -11.11 -0.64 -0.12
N VAL A 119 -10.69 -1.54 0.79
CA VAL A 119 -10.73 -2.96 0.43
C VAL A 119 -12.17 -3.44 0.35
N SER A 120 -13.07 -2.87 1.15
CA SER A 120 -14.50 -3.20 1.00
C SER A 120 -15.02 -2.81 -0.37
N TRP A 121 -14.67 -1.61 -0.84
CA TRP A 121 -15.14 -1.18 -2.15
C TRP A 121 -14.53 -2.03 -3.24
N CYS A 122 -13.26 -2.42 -3.07
CA CYS A 122 -12.63 -3.31 -4.03
C CYS A 122 -13.30 -4.67 -4.08
N GLU A 123 -13.69 -5.22 -2.92
CA GLU A 123 -14.33 -6.54 -2.98
C GLU A 123 -15.65 -6.47 -3.74
N THR A 124 -16.43 -5.41 -3.52
CA THR A 124 -17.67 -5.26 -4.28
C THR A 124 -17.41 -5.27 -5.78
N GLU A 125 -16.28 -4.73 -6.21
CA GLU A 125 -15.92 -4.67 -7.61
C GLU A 125 -15.10 -5.87 -8.08
N GLY A 126 -14.87 -6.87 -7.22
CA GLY A 126 -14.09 -8.04 -7.62
C GLY A 126 -12.61 -7.80 -7.82
N ILE A 127 -12.09 -6.70 -7.27
CA ILE A 127 -10.67 -6.37 -7.35
C ILE A 127 -9.99 -7.07 -6.18
N ALA A 128 -9.10 -7.99 -6.50
CA ALA A 128 -8.60 -8.91 -5.49
C ALA A 128 -7.14 -8.69 -5.12
N VAL A 129 -6.42 -7.78 -5.79
CA VAL A 129 -5.07 -7.44 -5.35
C VAL A 129 -5.01 -5.93 -5.10
N VAL A 130 -4.61 -5.56 -3.89
CA VAL A 130 -4.55 -4.15 -3.51
C VAL A 130 -3.23 -3.94 -2.78
N THR A 131 -2.45 -2.96 -3.24
CA THR A 131 -1.23 -2.59 -2.53
C THR A 131 -1.36 -1.17 -2.05
N VAL A 132 -1.07 -0.94 -0.76
CA VAL A 132 -1.12 0.42 -0.24
C VAL A 132 0.26 0.80 0.29
N TRP A 133 0.71 2.01 -0.04
CA TRP A 133 1.98 2.51 0.47
C TRP A 133 1.68 3.42 1.65
N ALA A 134 1.96 2.90 2.85
CA ALA A 134 1.65 3.59 4.09
C ALA A 134 2.78 4.46 4.59
N LEU A 135 4.02 4.02 4.42
CA LEU A 135 5.18 4.69 5.00
C LEU A 135 6.39 4.55 4.09
N SER A 136 7.00 5.67 3.71
CA SER A 136 8.24 5.60 2.95
C SER A 136 9.43 5.47 3.88
N ARG A 137 10.55 5.03 3.31
CA ARG A 137 11.81 5.06 4.03
C ARG A 137 12.25 6.49 4.30
N ASP A 138 12.07 7.37 3.32
CA ASP A 138 12.45 8.77 3.50
C ASP A 138 11.69 9.38 4.67
N ASN A 139 10.44 9.00 4.87
CA ASN A 139 9.64 9.54 5.96
C ASN A 139 9.84 8.80 7.28
N LEU A 140 10.84 7.93 7.37
CA LEU A 140 11.27 7.45 8.68
C LEU A 140 12.06 8.52 9.43
N ARG A 141 12.45 9.59 8.75
CA ARG A 141 13.14 10.72 9.36
C ARG A 141 12.18 11.53 10.23
N ALA A 144 10.64 8.40 15.24
CA ALA A 144 11.04 7.24 16.02
C ALA A 144 9.92 6.87 16.99
N ALA A 145 9.69 7.72 17.99
CA ALA A 145 8.47 7.60 18.79
C ALA A 145 7.25 7.76 17.89
N ALA A 146 7.30 8.74 16.97
CA ALA A 146 6.21 8.95 16.02
C ALA A 146 5.99 7.72 15.14
N VAL A 147 7.07 7.20 14.53
CA VAL A 147 6.96 6.04 13.65
C VAL A 147 6.32 4.87 14.39
N GLY A 148 6.72 4.66 15.64
CA GLY A 148 6.10 3.61 16.43
C GLY A 148 4.60 3.79 16.57
N ARG A 149 4.15 5.00 16.92
CA ARG A 149 2.72 5.23 17.13
C ARG A 149 1.96 5.05 15.82
N ILE A 150 2.58 5.46 14.71
CA ILE A 150 1.96 5.36 13.41
C ILE A 150 1.82 3.90 13.00
N LEU A 151 2.86 3.10 13.24
CA LEU A 151 2.78 1.68 12.95
C LEU A 151 1.73 1.01 13.81
N ASP A 152 1.64 1.42 15.08
CA ASP A 152 0.67 0.79 15.95
C ASP A 152 -0.76 1.20 15.59
N ALA A 153 -0.98 2.47 15.24
CA ALA A 153 -2.31 2.85 14.79
C ALA A 153 -2.70 2.11 13.52
N THR A 154 -1.73 1.87 12.65
CA THR A 154 -2.02 1.11 11.44
C THR A 154 -2.37 -0.34 11.76
N ALA A 155 -1.58 -0.99 12.63
CA ALA A 155 -1.88 -2.38 12.98
C ALA A 155 -3.26 -2.51 13.59
N VAL A 156 -3.60 -1.64 14.55
CA VAL A 156 -4.93 -1.67 15.18
C VAL A 156 -6.01 -1.42 14.15
N GLY A 157 -5.81 -0.43 13.27
CA GLY A 157 -6.84 -0.09 12.32
C GLY A 157 -7.05 -1.12 11.24
N LEU A 158 -6.13 -2.06 11.08
CA LEU A 158 -6.31 -3.18 10.17
C LEU A 158 -7.00 -4.37 10.83
N ALA A 159 -7.35 -4.28 12.11
CA ALA A 159 -7.86 -5.45 12.81
C ALA A 159 -9.18 -5.94 12.21
N GLY A 160 -10.03 -5.00 11.77
CA GLY A 160 -11.29 -5.39 11.15
C GLY A 160 -11.10 -6.11 9.83
N ILE A 161 -10.16 -5.63 9.01
CA ILE A 161 -9.84 -6.34 7.77
C ILE A 161 -9.39 -7.75 8.08
N ALA A 162 -8.51 -7.89 9.07
CA ALA A 162 -8.04 -9.22 9.47
C ALA A 162 -9.19 -10.10 9.91
N ALA A 163 -10.06 -9.56 10.79
CA ALA A 163 -11.17 -10.36 11.30
C ALA A 163 -12.14 -10.76 10.20
N SER A 164 -12.18 -10.03 9.08
CA SER A 164 -13.13 -10.35 8.02
C SER A 164 -12.82 -11.66 7.33
N GLY A 165 -11.54 -12.07 7.30
CA GLY A 165 -11.16 -13.25 6.58
C GLY A 165 -11.12 -13.12 5.08
N ARG A 166 -11.38 -11.93 4.54
CA ARG A 166 -11.52 -11.68 3.11
C ARG A 166 -10.19 -11.25 2.47
N TRP A 167 -9.17 -11.00 3.27
CA TRP A 167 -7.92 -10.44 2.76
C TRP A 167 -6.74 -11.09 3.44
N HIS A 168 -5.80 -11.61 2.65
CA HIS A 168 -4.50 -11.99 3.16
C HIS A 168 -3.62 -10.75 3.15
N ILE A 169 -3.25 -10.26 4.35
CA ILE A 169 -2.41 -9.08 4.50
C ILE A 169 -0.94 -9.50 4.48
N ARG A 170 -0.14 -8.83 3.67
CA ARG A 170 1.27 -9.11 3.55
C ARG A 170 2.01 -7.80 3.70
N LEU A 171 3.19 -7.83 4.30
CA LEU A 171 3.98 -6.62 4.44
C LEU A 171 5.08 -6.60 3.40
N ILE A 172 5.36 -5.40 2.87
CA ILE A 172 6.50 -5.19 1.98
C ILE A 172 7.24 -3.95 2.47
N GLY A 173 8.49 -3.86 2.06
CA GLY A 173 9.38 -2.82 2.55
C GLY A 173 10.44 -3.40 3.46
N GLU A 174 11.37 -2.53 3.83
CA GLU A 174 12.50 -2.93 4.67
C GLU A 174 12.05 -2.80 6.13
N THR A 175 11.28 -3.79 6.58
CA THR A 175 10.67 -3.68 7.90
C THR A 175 11.71 -3.79 9.01
N ASP A 176 12.88 -4.34 8.72
CA ASP A 176 13.93 -4.35 9.72
C ASP A 176 14.41 -2.94 10.08
N LEU A 177 14.09 -1.93 9.26
CA LEU A 177 14.39 -0.54 9.60
C LEU A 177 13.46 0.07 10.64
N LEU A 178 12.34 -0.57 10.97
CA LEU A 178 11.36 -0.01 11.90
C LEU A 178 11.69 -0.39 13.34
N PRO A 179 11.14 0.35 14.31
CA PRO A 179 11.27 -0.07 15.71
C PRO A 179 10.66 -1.44 15.91
N ALA A 180 11.34 -2.24 16.73
CA ALA A 180 11.09 -3.69 16.70
C ALA A 180 9.73 -4.06 17.30
N ALA A 181 9.32 -3.44 18.42
CA ALA A 181 8.06 -3.86 19.03
C ALA A 181 6.87 -3.45 18.17
N PRO A 182 6.73 -2.20 17.72
CA PRO A 182 5.62 -1.87 16.80
C PRO A 182 5.66 -2.68 15.52
N ALA A 183 6.86 -2.94 14.99
CA ALA A 183 6.95 -3.77 13.80
C ALA A 183 6.43 -5.18 14.06
N ARG A 184 6.73 -5.75 15.22
CA ARG A 184 6.26 -7.09 15.49
C ARG A 184 4.73 -7.11 15.61
N ARG A 185 4.15 -6.07 16.20
CA ARG A 185 2.70 -6.03 16.30
C ARG A 185 2.05 -5.90 14.94
N LEU A 186 2.65 -5.12 14.03
CA LEU A 186 2.10 -5.07 12.67
C LEU A 186 2.26 -6.42 11.97
N ARG A 187 3.43 -7.04 12.09
CA ARG A 187 3.65 -8.38 11.54
C ARG A 187 2.66 -9.38 12.13
N SER A 188 2.35 -9.24 13.42
CA SER A 188 1.45 -10.18 14.08
C SER A 188 0.04 -10.10 13.52
N VAL A 189 -0.44 -8.88 13.22
CA VAL A 189 -1.74 -8.73 12.58
C VAL A 189 -1.73 -9.39 11.21
N ALA A 190 -0.69 -9.10 10.41
CA ALA A 190 -0.63 -9.64 9.06
C ALA A 190 -0.54 -11.15 9.08
N ASP A 191 0.30 -11.69 9.96
CA ASP A 191 0.53 -13.13 9.99
C ASP A 191 -0.75 -13.89 10.30
N ARG A 192 -1.66 -13.30 11.09
CA ARG A 192 -2.93 -13.97 11.41
C ARG A 192 -3.89 -14.08 10.24
N THR A 193 -3.57 -13.49 9.08
CA THR A 193 -4.45 -13.49 7.93
C THR A 193 -3.98 -14.41 6.80
N ALA A 194 -3.10 -15.37 7.10
CA ALA A 194 -2.51 -16.21 6.07
C ALA A 194 -3.55 -17.03 5.31
N THR A 195 -4.69 -17.33 5.94
CA THR A 195 -5.77 -18.02 5.27
C THR A 195 -6.80 -17.07 4.64
N GLY A 196 -6.62 -15.76 4.79
CA GLY A 196 -7.55 -14.81 4.19
C GLY A 196 -7.64 -15.01 2.68
N SER A 197 -8.86 -14.85 2.14
CA SER A 197 -9.21 -15.21 0.78
C SER A 197 -10.52 -14.53 0.42
N PRO A 198 -10.70 -14.05 -0.82
CA PRO A 198 -9.85 -14.16 -2.02
C PRO A 198 -8.87 -13.00 -2.21
N GLY A 199 -8.89 -12.02 -1.34
CA GLY A 199 -8.10 -10.82 -1.57
C GLY A 199 -6.69 -10.94 -1.06
N THR A 200 -5.80 -10.15 -1.66
CA THR A 200 -4.47 -9.92 -1.14
C THR A 200 -4.27 -8.43 -0.92
N LEU A 201 -3.87 -8.06 0.30
CA LEU A 201 -3.63 -6.66 0.65
C LEU A 201 -2.16 -6.54 1.03
N ASN A 202 -1.38 -5.90 0.18
CA ASN A 202 0.03 -5.64 0.46
C ASN A 202 0.17 -4.27 1.11
N VAL A 203 0.86 -4.22 2.24
CA VAL A 203 1.03 -2.98 3.00
C VAL A 203 2.51 -2.64 2.99
N ALA A 204 2.86 -1.54 2.32
CA ALA A 204 4.25 -1.14 2.19
C ALA A 204 4.62 -0.16 3.30
N VAL A 205 5.62 -0.53 4.10
CA VAL A 205 6.14 0.29 5.18
C VAL A 205 7.66 0.28 5.11
N ALA A 206 8.28 1.45 5.34
CA ALA A 206 9.71 1.62 5.10
C ALA A 206 10.11 1.14 3.71
N TYR A 207 9.25 1.42 2.72
CA TYR A 207 9.49 1.00 1.34
C TYR A 207 10.10 2.13 0.55
N ASP A 208 10.99 1.78 -0.38
CA ASP A 208 11.62 2.70 -1.31
C ASP A 208 11.84 1.99 -2.65
N GLY A 209 11.46 2.63 -3.75
CA GLY A 209 11.58 1.98 -5.05
C GLY A 209 13.00 1.76 -5.51
N ARG A 210 13.90 2.71 -5.24
CA ARG A 210 15.28 2.50 -5.62
C ARG A 210 15.92 1.39 -4.78
N ALA A 211 15.52 1.27 -3.51
CA ALA A 211 15.99 0.15 -2.70
C ALA A 211 15.42 -1.18 -3.20
N ASP A 212 14.16 -1.17 -3.64
CA ASP A 212 13.56 -2.35 -4.24
C ASP A 212 14.39 -2.83 -5.41
N ILE A 213 14.73 -1.91 -6.32
CA ILE A 213 15.53 -2.27 -7.49
C ILE A 213 16.90 -2.75 -7.06
N ALA A 214 17.54 -2.02 -6.14
CA ALA A 214 18.85 -2.44 -5.64
C ALA A 214 18.81 -3.83 -5.03
N GLY A 215 17.70 -4.22 -4.39
CA GLY A 215 17.59 -5.57 -3.84
C GLY A 215 17.61 -6.66 -4.91
N ALA A 216 17.11 -6.36 -6.10
CA ALA A 216 17.21 -7.34 -7.17
C ALA A 216 18.65 -7.63 -7.54
N VAL A 217 19.56 -6.66 -7.35
CA VAL A 217 20.98 -6.90 -7.62
C VAL A 217 21.57 -7.79 -6.55
N ARG A 218 21.36 -7.44 -5.29
CA ARG A 218 21.82 -8.29 -4.19
C ARG A 218 21.24 -9.69 -4.28
N GLY A 219 20.01 -9.83 -4.78
CA GLY A 219 19.42 -11.15 -4.93
C GLY A 219 20.10 -11.98 -6.00
N LEU A 220 20.38 -11.39 -7.15
CA LEU A 220 21.07 -12.14 -8.21
C LEU A 220 22.48 -12.53 -7.78
N LEU A 221 23.16 -11.63 -7.07
CA LEU A 221 24.50 -11.93 -6.57
C LEU A 221 24.49 -13.18 -5.71
N ARG A 222 23.62 -13.23 -4.71
CA ARG A 222 23.59 -14.39 -3.81
C ARG A 222 23.14 -15.66 -4.52
N SER A 223 22.48 -15.54 -5.67
CA SER A 223 22.09 -16.71 -6.46
C SER A 223 23.23 -17.27 -7.30
N GLY A 224 24.35 -16.57 -7.41
CA GLY A 224 25.53 -17.11 -8.08
C GLY A 224 25.99 -16.36 -9.30
N VAL A 233 21.79 -12.50 -17.81
CA VAL A 233 20.69 -11.96 -17.02
C VAL A 233 19.64 -11.30 -17.91
N ARG A 234 18.39 -11.75 -17.74
CA ARG A 234 17.24 -11.30 -18.48
C ARG A 234 16.43 -10.32 -17.61
N GLU A 235 15.57 -9.55 -18.27
CA GLU A 235 14.67 -8.68 -17.52
C GLU A 235 13.80 -9.49 -16.56
N SER A 236 13.37 -10.67 -16.99
CA SER A 236 12.56 -11.50 -16.10
C SER A 236 13.34 -11.98 -14.89
N ASP A 237 14.68 -12.06 -14.97
CA ASP A 237 15.47 -12.41 -13.80
C ASP A 237 15.60 -11.25 -12.82
N VAL A 238 15.62 -10.01 -13.32
CA VAL A 238 15.61 -8.88 -12.40
C VAL A 238 14.29 -8.84 -11.64
N GLU A 239 13.18 -9.02 -12.36
CA GLU A 239 11.86 -9.00 -11.76
C GLU A 239 11.73 -10.04 -10.64
N ARG A 240 12.26 -11.25 -10.87
CA ARG A 240 12.15 -12.37 -9.94
C ARG A 240 12.87 -12.10 -8.64
N TYR A 241 13.86 -11.21 -8.65
CA TYR A 241 14.67 -10.95 -7.47
C TYR A 241 14.36 -9.61 -6.84
N LEU A 242 13.39 -8.85 -7.37
CA LEU A 242 12.94 -7.67 -6.64
C LEU A 242 12.56 -8.04 -5.22
N SER A 243 12.81 -7.11 -4.29
CA SER A 243 12.28 -7.31 -2.95
C SER A 243 10.76 -7.51 -3.00
N THR A 244 10.08 -6.91 -3.98
CA THR A 244 8.64 -7.05 -4.19
C THR A 244 8.29 -8.06 -5.29
N ALA A 245 9.16 -9.06 -5.49
CA ALA A 245 8.89 -10.05 -6.53
C ALA A 245 7.56 -10.77 -6.34
N GLY A 246 7.02 -10.84 -5.12
CA GLY A 246 5.71 -11.44 -4.95
C GLY A 246 4.54 -10.60 -5.43
N LEU A 247 4.79 -9.35 -5.88
CA LEU A 247 3.72 -8.48 -6.36
C LEU A 247 3.69 -8.46 -7.87
N PRO A 248 2.54 -8.68 -8.48
CA PRO A 248 2.43 -8.60 -9.93
C PRO A 248 2.26 -7.16 -10.39
N ASP A 249 2.22 -6.97 -11.71
CA ASP A 249 2.02 -5.66 -12.30
C ASP A 249 0.82 -4.94 -11.71
N VAL A 250 0.95 -3.61 -11.54
CA VAL A 250 -0.11 -2.75 -11.07
C VAL A 250 -0.82 -2.16 -12.26
N ASP A 251 -2.16 -2.27 -12.27
CA ASP A 251 -2.94 -1.72 -13.38
C ASP A 251 -3.34 -0.27 -13.16
N LEU A 252 -3.55 0.14 -11.92
CA LEU A 252 -4.03 1.49 -11.64
C LEU A 252 -3.35 1.95 -10.37
N VAL A 253 -2.68 3.10 -10.42
CA VAL A 253 -2.13 3.73 -9.22
C VAL A 253 -3.00 4.94 -8.89
N ILE A 254 -3.37 5.08 -7.63
CA ILE A 254 -4.07 6.24 -7.12
C ILE A 254 -3.15 6.90 -6.13
N ARG A 255 -2.91 8.21 -6.27
CA ARG A 255 -2.21 8.93 -5.22
C ARG A 255 -3.08 10.09 -4.79
N THR A 256 -3.25 10.21 -3.48
CA THR A 256 -4.04 11.28 -2.89
C THR A 256 -3.19 12.52 -2.57
N SER A 257 -3.86 13.55 -2.08
CA SER A 257 -3.29 14.83 -1.62
C SER A 257 -2.99 15.79 -2.76
N GLY A 258 -3.30 15.44 -4.01
CA GLY A 258 -3.02 16.33 -5.12
C GLY A 258 -1.59 16.27 -5.60
N GLU A 259 -0.78 15.39 -5.03
CA GLU A 259 0.61 15.26 -5.43
C GLU A 259 0.71 14.44 -6.71
N ARG A 260 1.29 15.02 -7.75
CA ARG A 260 1.31 14.38 -9.07
C ARG A 260 2.65 13.72 -9.31
N ARG A 261 2.97 12.77 -8.42
CA ARG A 261 4.28 12.11 -8.44
C ARG A 261 4.09 10.67 -8.00
N LEU A 262 4.96 9.78 -8.46
CA LEU A 262 4.94 8.40 -8.00
C LEU A 262 5.88 8.18 -6.82
N SER A 263 6.91 9.02 -6.67
CA SER A 263 7.88 8.93 -5.58
C SER A 263 8.51 7.55 -5.48
N GLY A 264 8.71 6.91 -6.62
CA GLY A 264 9.36 5.61 -6.64
C GLY A 264 8.51 4.45 -6.16
N PHE A 265 7.19 4.59 -6.17
CA PHE A 265 6.30 3.48 -5.79
C PHE A 265 6.40 2.34 -6.83
N LEU A 266 6.90 1.17 -6.39
CA LEU A 266 6.95 -0.03 -7.25
C LEU A 266 7.35 0.31 -8.69
N PRO A 267 8.58 0.78 -8.90
CA PRO A 267 8.96 1.23 -10.25
C PRO A 267 8.80 0.14 -11.30
N TRP A 268 9.10 -1.10 -10.95
CA TRP A 268 9.00 -2.17 -11.95
C TRP A 268 7.54 -2.46 -12.28
N GLN A 269 6.71 -2.69 -11.29
CA GLN A 269 5.34 -3.15 -11.52
C GLN A 269 4.40 -2.06 -12.00
N THR A 270 4.71 -0.79 -11.76
CA THR A 270 3.85 0.30 -12.20
C THR A 270 4.25 0.88 -13.54
N ALA A 271 5.22 0.27 -14.23
CA ALA A 271 5.73 0.87 -15.45
C ALA A 271 4.60 1.19 -16.43
N TYR A 272 3.60 0.30 -16.52
CA TYR A 272 2.51 0.50 -17.47
C TYR A 272 1.19 0.75 -16.77
N ALA A 273 1.21 1.15 -15.52
CA ALA A 273 -0.01 1.45 -14.80
C ALA A 273 -0.62 2.77 -15.27
N GLU A 274 -1.95 2.80 -15.32
CA GLU A 274 -2.70 4.05 -15.38
C GLU A 274 -2.48 4.83 -14.09
N LEU A 275 -2.22 6.12 -14.19
CA LEU A 275 -1.88 6.92 -13.02
C LEU A 275 -2.98 7.95 -12.76
N HIS A 276 -3.61 7.85 -11.58
CA HIS A 276 -4.72 8.72 -11.22
C HIS A 276 -4.37 9.54 -9.99
N PHE A 277 -4.61 10.84 -10.06
CA PHE A 277 -4.27 11.71 -8.94
C PHE A 277 -5.57 12.27 -8.34
N THR A 278 -5.77 12.00 -7.05
CA THR A 278 -6.96 12.38 -6.30
C THR A 278 -6.61 13.57 -5.42
N ALA A 279 -7.45 14.60 -5.41
CA ALA A 279 -7.10 15.81 -4.66
C ALA A 279 -7.19 15.59 -3.16
N ALA A 280 -8.19 14.82 -2.71
CA ALA A 280 -8.43 14.66 -1.29
C ALA A 280 -7.21 14.12 -0.55
N LEU A 281 -7.07 14.56 0.69
CA LEU A 281 -6.08 13.97 1.58
C LEU A 281 -6.52 12.55 1.98
N TRP A 282 -5.54 11.65 2.19
CA TRP A 282 -5.90 10.26 2.40
C TRP A 282 -6.93 10.00 3.52
N PRO A 283 -6.87 10.63 4.70
CA PRO A 283 -7.89 10.35 5.74
C PRO A 283 -9.28 10.75 5.34
N ALA A 284 -9.45 11.51 4.27
CA ALA A 284 -10.75 11.96 3.81
C ALA A 284 -11.17 11.26 2.52
N PHE A 285 -10.41 10.27 2.08
CA PHE A 285 -10.67 9.57 0.82
C PHE A 285 -12.09 9.02 0.84
N SER A 286 -12.85 9.28 -0.24
CA SER A 286 -14.28 9.01 -0.23
C SER A 286 -14.64 7.97 -1.29
N PHE A 287 -15.86 7.46 -1.18
CA PHE A 287 -16.35 6.57 -2.23
C PHE A 287 -16.44 7.27 -3.58
N ASP A 288 -16.77 8.57 -3.60
CA ASP A 288 -16.72 9.32 -4.85
C ASP A 288 -15.31 9.32 -5.44
N ASP A 289 -14.30 9.56 -4.60
CA ASP A 289 -12.92 9.50 -5.08
C ASP A 289 -12.61 8.14 -5.67
N PHE A 290 -13.04 7.06 -5.01
CA PHE A 290 -12.80 5.72 -5.52
C PHE A 290 -13.48 5.52 -6.86
N THR A 291 -14.73 5.97 -6.96
CA THR A 291 -15.51 5.83 -8.18
C THR A 291 -14.89 6.60 -9.33
N VAL A 292 -14.46 7.84 -9.08
CA VAL A 292 -13.82 8.65 -10.12
C VAL A 292 -12.56 7.96 -10.61
N ALA A 293 -11.79 7.38 -9.69
CA ALA A 293 -10.57 6.69 -10.09
C ALA A 293 -10.89 5.49 -10.97
N LEU A 294 -11.84 4.65 -10.54
CA LEU A 294 -12.16 3.46 -11.32
C LEU A 294 -12.73 3.83 -12.68
N ARG A 295 -13.57 4.87 -12.72
CA ARG A 295 -14.17 5.28 -13.99
C ARG A 295 -13.10 5.80 -14.94
N SER A 296 -12.08 6.49 -14.40
CA SER A 296 -10.97 6.95 -15.23
C SER A 296 -10.21 5.78 -15.84
N TYR A 297 -10.04 4.70 -15.08
CA TYR A 297 -9.36 3.52 -15.61
C TYR A 297 -10.19 2.88 -16.72
N ARG A 298 -11.48 2.70 -16.46
CA ARG A 298 -12.36 2.04 -17.41
C ARG A 298 -12.50 2.84 -18.71
N ALA A 299 -12.37 4.16 -18.62
CA ALA A 299 -12.54 5.04 -19.77
C ALA A 299 -11.28 5.22 -20.61
N ARG A 300 -10.13 4.68 -20.18
CA ARG A 300 -8.87 4.99 -20.86
C ARG A 300 -8.87 4.54 -22.32
#